data_6L08
#
_entry.id   6L08
#
_cell.length_a   112.644
_cell.length_b   112.644
_cell.length_c   111.585
_cell.angle_alpha   90.000
_cell.angle_beta   90.000
_cell.angle_gamma   120.000
#
_symmetry.space_group_name_H-M   'P 32 2 1'
#
loop_
_entity.id
_entity.type
_entity.pdbx_description
1 polymer 'Cytidine deaminase 1'
2 non-polymer 'SULFATE ION'
3 water water
#
_entity_poly.entity_id   1
_entity_poly.type   'polypeptide(L)'
_entity_poly.pdbx_seq_one_letter_code
;SMDKPSFVIQSKEAESAAKQLGVSVIQLLPSLVKPAQSYARTPISKFNVAVVGLGSSGRIFLGVNVEFPNLPLHHSIHAE
QFLVTNLTLNGERHLNFFAVSAAPCGHCRQFLQEIRDAPEIKILITDPNNSADSDSAADSDGFLRLGSFLPHRFGPDDLL
GKDHPLLLESHDNHLKISDLDSICNGNTDSSADLKQTALAAANRSYAPYSLCPSGVSLVDCDGKVYRGWYMESAAYNPSM
GPVQAALVDYVANGGGGGYERIVGAVLVEKEDAVVRQEHTARLLLETISPKCEFKVFHCYEAHHHHHH
;
_entity_poly.pdbx_strand_id   A,B
#
loop_
_chem_comp.id
_chem_comp.type
_chem_comp.name
_chem_comp.formula
SO4 non-polymer 'SULFATE ION' 'O4 S -2'
#
# COMPACT_ATOMS: atom_id res chain seq x y z
N PRO A 5 18.09 -7.57 -20.51
CA PRO A 5 17.14 -6.75 -21.27
C PRO A 5 15.85 -7.49 -21.59
N SER A 6 15.92 -8.79 -21.84
CA SER A 6 14.70 -9.55 -22.02
C SER A 6 14.02 -9.68 -20.67
N PHE A 7 12.70 -9.76 -20.66
CA PHE A 7 11.96 -9.84 -19.41
C PHE A 7 11.83 -11.27 -18.91
N VAL A 8 11.96 -12.22 -19.84
CA VAL A 8 11.92 -13.63 -19.48
C VAL A 8 13.02 -14.43 -20.19
N ILE A 9 13.91 -15.02 -19.41
CA ILE A 9 14.99 -15.83 -19.96
C ILE A 9 14.67 -17.29 -19.72
N GLN A 10 14.68 -18.08 -20.79
CA GLN A 10 14.31 -19.48 -20.71
C GLN A 10 15.32 -20.29 -19.90
N SER A 11 14.86 -21.39 -19.33
CA SER A 11 15.71 -22.24 -18.49
C SER A 11 16.89 -22.80 -19.28
N LYS A 12 16.62 -23.20 -20.52
CA LYS A 12 17.64 -23.77 -21.37
C LYS A 12 18.67 -22.72 -21.78
N GLU A 13 18.23 -21.47 -21.87
CA GLU A 13 19.11 -20.37 -22.27
C GLU A 13 19.84 -19.78 -21.06
N ALA A 14 19.28 -20.00 -19.87
CA ALA A 14 19.86 -19.47 -18.64
C ALA A 14 20.92 -20.41 -18.10
N GLU A 15 20.58 -21.69 -18.01
CA GLU A 15 21.50 -22.69 -17.47
C GLU A 15 22.68 -22.91 -18.41
N SER A 16 22.48 -22.62 -19.69
CA SER A 16 23.55 -22.74 -20.67
C SER A 16 24.57 -21.62 -20.50
N ALA A 17 24.07 -20.41 -20.29
CA ALA A 17 24.93 -19.24 -20.10
C ALA A 17 25.77 -19.38 -18.83
N ALA A 18 25.18 -19.97 -17.81
CA ALA A 18 25.87 -20.17 -16.54
C ALA A 18 26.90 -21.29 -16.65
N LYS A 19 26.59 -22.29 -17.46
CA LYS A 19 27.48 -23.45 -17.63
C LYS A 19 28.73 -23.07 -18.41
N GLN A 20 28.59 -22.12 -19.32
CA GLN A 20 29.71 -21.66 -20.15
C GLN A 20 30.64 -20.73 -19.37
N LEU A 21 30.11 -20.11 -18.33
CA LEU A 21 30.90 -19.25 -17.47
C LEU A 21 31.45 -20.05 -16.30
N GLY A 22 30.91 -21.24 -16.13
CA GLY A 22 31.34 -22.15 -15.08
C GLY A 22 30.74 -21.83 -13.72
N VAL A 23 29.92 -20.80 -13.67
CA VAL A 23 29.32 -20.37 -12.40
C VAL A 23 27.86 -20.85 -12.31
N SER A 24 27.24 -20.59 -11.16
CA SER A 24 25.84 -20.97 -10.98
C SER A 24 24.92 -19.86 -11.46
N VAL A 25 23.65 -20.21 -11.66
CA VAL A 25 22.64 -19.25 -12.11
C VAL A 25 22.35 -18.22 -11.01
N ILE A 26 22.51 -18.64 -9.76
CA ILE A 26 22.24 -17.76 -8.62
C ILE A 26 23.19 -16.58 -8.57
N GLN A 27 24.48 -16.86 -8.74
CA GLN A 27 25.50 -15.81 -8.67
C GLN A 27 25.47 -14.95 -9.93
N LEU A 28 24.67 -15.37 -10.90
CA LEU A 28 24.56 -14.68 -12.17
C LEU A 28 23.50 -13.59 -12.10
N LEU A 29 22.57 -13.73 -11.16
CA LEU A 29 21.46 -12.80 -10.99
C LEU A 29 21.81 -11.32 -10.78
N PRO A 30 22.69 -11.01 -9.80
CA PRO A 30 22.94 -9.59 -9.51
C PRO A 30 23.58 -8.80 -10.64
N SER A 31 24.10 -9.46 -11.72
CA SER A 31 24.69 -8.77 -12.85
C SER A 31 23.64 -8.22 -13.82
N LEU A 32 22.50 -8.70 -13.65
CA LEU A 32 21.44 -8.28 -14.57
C LEU A 32 20.59 -7.17 -13.98
N VAL A 33 20.86 -6.81 -12.73
CA VAL A 33 20.06 -5.80 -12.04
C VAL A 33 20.30 -4.41 -12.63
N LYS A 34 21.57 -4.06 -12.79
CA LYS A 34 21.96 -2.74 -13.27
C LYS A 34 21.43 -2.38 -14.67
N PRO A 35 21.60 -3.27 -15.67
CA PRO A 35 21.09 -2.89 -16.99
C PRO A 35 19.56 -2.84 -17.05
N ALA A 36 18.90 -3.62 -16.21
CA ALA A 36 17.44 -3.69 -16.22
C ALA A 36 16.80 -2.42 -15.67
N GLN A 37 17.59 -1.60 -14.98
CA GLN A 37 17.08 -0.37 -14.38
C GLN A 37 16.68 0.67 -15.42
N SER A 38 17.20 0.52 -16.63
CA SER A 38 16.92 1.47 -17.71
C SER A 38 15.47 1.43 -18.17
N TYR A 39 14.80 0.31 -17.94
CA TYR A 39 13.41 0.14 -18.35
C TYR A 39 12.42 0.88 -17.45
N ALA A 40 12.91 1.42 -16.34
CA ALA A 40 12.05 2.08 -15.37
C ALA A 40 11.43 3.37 -15.92
N ARG A 41 10.11 3.36 -16.08
CA ARG A 41 9.39 4.57 -16.46
C ARG A 41 9.04 5.33 -15.20
N THR A 42 9.98 6.17 -14.75
CA THR A 42 9.79 6.96 -13.54
C THR A 42 9.86 8.47 -13.78
N PRO A 43 8.76 9.05 -14.30
CA PRO A 43 8.70 10.48 -14.57
C PRO A 43 8.68 11.29 -13.28
N ILE A 44 8.14 10.69 -12.22
CA ILE A 44 7.96 11.39 -10.94
C ILE A 44 9.21 11.36 -10.07
N SER A 45 9.66 10.16 -9.71
CA SER A 45 10.76 10.00 -8.77
C SER A 45 12.13 10.12 -9.44
N LYS A 46 12.20 9.75 -10.71
CA LYS A 46 13.46 9.62 -11.41
C LYS A 46 14.38 8.67 -10.65
N PHE A 47 13.77 7.65 -10.05
CA PHE A 47 14.49 6.68 -9.23
C PHE A 47 14.25 5.28 -9.80
N ASN A 48 15.25 4.76 -10.51
CA ASN A 48 15.10 3.48 -11.21
C ASN A 48 15.39 2.28 -10.33
N VAL A 49 14.36 1.45 -10.13
CA VAL A 49 14.51 0.23 -9.35
C VAL A 49 14.17 -1.00 -10.19
N ALA A 50 15.13 -1.91 -10.29
CA ALA A 50 14.93 -3.14 -11.04
C ALA A 50 15.15 -4.36 -10.15
N VAL A 51 14.47 -5.45 -10.48
CA VAL A 51 14.66 -6.70 -9.74
C VAL A 51 14.61 -7.90 -10.67
N VAL A 52 15.63 -8.75 -10.60
CA VAL A 52 15.68 -9.95 -11.43
C VAL A 52 15.56 -11.19 -10.56
N GLY A 53 14.51 -11.97 -10.80
CA GLY A 53 14.21 -13.12 -9.97
C GLY A 53 14.36 -14.46 -10.67
N LEU A 54 14.48 -15.52 -9.88
CA LEU A 54 14.61 -16.87 -10.42
C LEU A 54 13.54 -17.79 -9.83
N GLY A 55 12.84 -18.51 -10.70
CA GLY A 55 11.78 -19.40 -10.26
C GLY A 55 12.27 -20.82 -10.08
N SER A 56 11.33 -21.74 -9.83
CA SER A 56 11.66 -23.15 -9.65
C SER A 56 11.84 -23.84 -10.99
N SER A 57 11.26 -23.26 -12.05
CA SER A 57 11.37 -23.83 -13.38
C SER A 57 12.77 -23.62 -13.96
N GLY A 58 13.48 -22.62 -13.43
CA GLY A 58 14.81 -22.31 -13.90
C GLY A 58 14.81 -21.05 -14.76
N ARG A 59 13.63 -20.60 -15.13
CA ARG A 59 13.48 -19.39 -15.94
C ARG A 59 13.80 -18.14 -15.14
N ILE A 60 14.41 -17.16 -15.79
CA ILE A 60 14.77 -15.91 -15.15
C ILE A 60 13.79 -14.80 -15.53
N PHE A 61 13.15 -14.22 -14.53
CA PHE A 61 12.16 -13.16 -14.75
C PHE A 61 12.70 -11.81 -14.27
N LEU A 62 12.20 -10.74 -14.88
CA LEU A 62 12.61 -9.40 -14.51
C LEU A 62 11.44 -8.58 -13.97
N GLY A 63 11.74 -7.69 -13.02
CA GLY A 63 10.73 -6.81 -12.47
C GLY A 63 11.24 -5.38 -12.41
N VAL A 64 10.40 -4.44 -12.82
CA VAL A 64 10.81 -3.04 -12.91
C VAL A 64 9.67 -2.13 -12.44
N ASN A 65 10.00 -1.04 -11.75
CA ASN A 65 8.98 -0.15 -11.23
C ASN A 65 8.49 0.86 -12.27
N VAL A 66 7.17 1.05 -12.31
CA VAL A 66 6.55 2.01 -13.23
C VAL A 66 5.67 3.00 -12.48
N GLU A 67 5.63 4.24 -12.98
CA GLU A 67 4.88 5.31 -12.32
C GLU A 67 3.91 6.00 -13.27
N PHE A 68 2.88 6.63 -12.69
CA PHE A 68 1.87 7.35 -13.47
C PHE A 68 1.82 8.81 -13.05
N PRO A 69 2.29 9.71 -13.94
CA PRO A 69 2.43 11.15 -13.69
C PRO A 69 1.13 11.94 -13.58
N ASN A 70 -0.01 11.29 -13.72
CA ASN A 70 -1.29 12.00 -13.62
C ASN A 70 -2.31 11.29 -12.73
N LEU A 71 -1.81 10.41 -11.89
CA LEU A 71 -2.66 9.68 -10.94
C LEU A 71 -2.08 9.79 -9.53
N PRO A 72 -2.90 9.54 -8.50
CA PRO A 72 -2.37 9.48 -7.15
C PRO A 72 -1.33 8.37 -7.00
N LEU A 73 -0.44 8.50 -6.02
CA LEU A 73 0.72 7.61 -5.91
C LEU A 73 0.37 6.15 -5.67
N HIS A 74 -0.84 5.88 -5.20
CA HIS A 74 -1.25 4.50 -4.92
C HIS A 74 -1.60 3.72 -6.19
N HIS A 75 -1.46 4.37 -7.34
CA HIS A 75 -1.66 3.71 -8.62
C HIS A 75 -0.35 3.19 -9.18
N SER A 76 0.76 3.69 -8.64
CA SER A 76 2.08 3.30 -9.11
C SER A 76 2.38 1.84 -8.77
N ILE A 77 3.23 1.22 -9.58
CA ILE A 77 3.59 -0.18 -9.39
C ILE A 77 5.09 -0.34 -9.16
N HIS A 78 5.43 -0.88 -7.99
CA HIS A 78 6.82 -1.07 -7.63
C HIS A 78 7.45 -2.23 -8.40
N ALA A 79 8.77 -2.36 -8.31
CA ALA A 79 9.51 -3.37 -9.05
C ALA A 79 9.16 -4.79 -8.58
N GLU A 80 9.01 -4.95 -7.27
CA GLU A 80 8.70 -6.27 -6.72
C GLU A 80 7.35 -6.80 -7.20
N GLN A 81 6.34 -5.94 -7.23
CA GLN A 81 5.02 -6.33 -7.71
C GLN A 81 5.06 -6.66 -9.19
N PHE A 82 5.87 -5.91 -9.94
CA PHE A 82 6.03 -6.13 -11.37
C PHE A 82 6.55 -7.54 -11.62
N LEU A 83 7.51 -7.96 -10.78
CA LEU A 83 8.12 -9.28 -10.91
C LEU A 83 7.10 -10.39 -10.67
N VAL A 84 6.25 -10.21 -9.67
CA VAL A 84 5.23 -11.20 -9.34
C VAL A 84 4.25 -11.39 -10.49
N THR A 85 3.76 -10.27 -11.02
CA THR A 85 2.82 -10.30 -12.13
C THR A 85 3.47 -10.97 -13.33
N ASN A 86 4.73 -10.66 -13.56
CA ASN A 86 5.46 -11.17 -14.71
C ASN A 86 5.56 -12.70 -14.75
N LEU A 87 5.87 -13.30 -13.61
CA LEU A 87 6.04 -14.75 -13.54
C LEU A 87 4.71 -15.51 -13.45
N THR A 88 3.67 -14.83 -12.98
CA THR A 88 2.36 -15.47 -12.91
C THR A 88 1.78 -15.63 -14.31
N LEU A 89 2.01 -14.62 -15.15
CA LEU A 89 1.54 -14.65 -16.53
C LEU A 89 2.26 -15.74 -17.32
N ASN A 90 3.47 -16.06 -16.90
CA ASN A 90 4.24 -17.12 -17.54
C ASN A 90 4.05 -18.45 -16.82
N GLY A 91 3.19 -18.45 -15.80
CA GLY A 91 2.82 -19.67 -15.11
C GLY A 91 3.91 -20.25 -14.24
N GLU A 92 4.76 -19.39 -13.69
CA GLU A 92 5.81 -19.85 -12.79
C GLU A 92 5.21 -20.25 -11.45
N ARG A 93 5.57 -21.44 -10.97
CA ARG A 93 4.95 -22.01 -9.78
C ARG A 93 5.57 -21.49 -8.49
N HIS A 94 6.86 -21.22 -8.49
CA HIS A 94 7.57 -20.82 -7.27
C HIS A 94 8.55 -19.68 -7.51
N LEU A 95 8.89 -18.99 -6.42
CA LEU A 95 9.89 -17.93 -6.46
C LEU A 95 10.87 -18.15 -5.31
N ASN A 96 12.13 -18.37 -5.65
CA ASN A 96 13.14 -18.72 -4.64
C ASN A 96 14.17 -17.62 -4.40
N PHE A 97 14.68 -17.03 -5.46
CA PHE A 97 15.72 -16.02 -5.33
C PHE A 97 15.44 -14.78 -6.19
N PHE A 98 15.83 -13.62 -5.69
CA PHE A 98 15.86 -12.41 -6.51
C PHE A 98 16.80 -11.35 -5.95
N ALA A 99 17.55 -10.71 -6.85
CA ALA A 99 18.44 -9.62 -6.48
C ALA A 99 17.83 -8.29 -6.88
N VAL A 100 17.67 -7.40 -5.90
CA VAL A 100 17.01 -6.12 -6.14
C VAL A 100 17.99 -4.95 -6.02
N SER A 101 17.78 -3.91 -6.83
CA SER A 101 18.66 -2.74 -6.86
C SER A 101 18.62 -1.94 -5.57
N ALA A 102 17.47 -1.93 -4.90
CA ALA A 102 17.31 -1.16 -3.68
C ALA A 102 16.46 -1.92 -2.66
N ALA A 103 16.56 -1.53 -1.40
CA ALA A 103 15.81 -2.18 -0.33
C ALA A 103 14.30 -2.14 -0.58
N PRO A 104 13.68 -3.32 -0.68
CA PRO A 104 12.24 -3.46 -0.89
C PRO A 104 11.44 -2.78 0.22
N CYS A 105 10.43 -2.00 -0.15
CA CYS A 105 9.62 -1.31 0.84
C CYS A 105 8.68 -2.30 1.53
N GLY A 106 8.13 -1.88 2.68
CA GLY A 106 7.22 -2.72 3.43
C GLY A 106 5.96 -3.04 2.66
N HIS A 107 5.58 -2.14 1.77
CA HIS A 107 4.41 -2.34 0.91
C HIS A 107 4.60 -3.58 0.03
N CYS A 108 5.82 -3.81 -0.41
CA CYS A 108 6.13 -4.96 -1.26
C CYS A 108 6.39 -6.22 -0.46
N ARG A 109 7.02 -6.06 0.71
CA ARG A 109 7.28 -7.19 1.59
C ARG A 109 5.98 -7.79 2.11
N GLN A 110 4.97 -6.93 2.29
CA GLN A 110 3.65 -7.39 2.71
C GLN A 110 2.91 -8.05 1.55
N PHE A 111 3.12 -7.51 0.36
CA PHE A 111 2.47 -8.03 -0.85
C PHE A 111 2.98 -9.43 -1.20
N LEU A 112 4.25 -9.68 -0.92
CA LEU A 112 4.87 -10.96 -1.24
C LEU A 112 4.41 -12.09 -0.32
N GLN A 113 3.67 -11.74 0.73
CA GLN A 113 3.24 -12.72 1.72
C GLN A 113 2.09 -13.60 1.21
N GLU A 114 1.63 -13.33 -0.01
CA GLU A 114 0.54 -14.10 -0.60
C GLU A 114 1.06 -15.38 -1.25
N ILE A 115 2.38 -15.49 -1.36
CA ILE A 115 3.00 -16.66 -1.95
C ILE A 115 3.27 -17.70 -0.87
N ARG A 116 3.08 -18.97 -1.19
CA ARG A 116 3.38 -20.04 -0.26
C ARG A 116 4.88 -20.08 0.01
N ASP A 117 5.24 -20.28 1.28
CA ASP A 117 6.62 -20.29 1.72
C ASP A 117 7.36 -19.00 1.39
N ALA A 118 6.63 -17.88 1.44
CA ALA A 118 7.20 -16.56 1.20
C ALA A 118 8.38 -16.18 2.12
N PRO A 119 8.29 -16.48 3.43
CA PRO A 119 9.44 -16.14 4.29
C PRO A 119 10.75 -16.85 3.92
N GLU A 120 10.66 -17.96 3.19
N GLU A 120 10.66 -17.96 3.19
CA GLU A 120 11.86 -18.72 2.83
CA GLU A 120 11.83 -18.73 2.81
C GLU A 120 12.53 -18.15 1.58
C GLU A 120 12.57 -18.09 1.64
N ILE A 121 11.94 -17.14 0.97
CA ILE A 121 12.52 -16.51 -0.21
C ILE A 121 13.76 -15.68 0.15
N LYS A 122 14.92 -16.16 -0.29
CA LYS A 122 16.17 -15.45 -0.04
C LYS A 122 16.30 -14.21 -0.92
N ILE A 123 16.76 -13.11 -0.33
CA ILE A 123 16.84 -11.84 -1.02
C ILE A 123 18.23 -11.21 -0.94
N LEU A 124 18.73 -10.72 -2.06
CA LEU A 124 20.01 -10.01 -2.10
C LEU A 124 19.79 -8.59 -2.60
N ILE A 125 20.41 -7.63 -1.93
CA ILE A 125 20.31 -6.23 -2.33
C ILE A 125 21.62 -5.70 -2.90
N THR A 126 21.55 -5.14 -4.11
CA THR A 126 22.74 -4.67 -4.82
C THR A 126 23.30 -3.39 -4.21
N ASP A 127 22.41 -2.51 -3.73
CA ASP A 127 22.80 -1.22 -3.17
C ASP A 127 23.85 -1.35 -2.06
N PRO A 128 25.07 -0.87 -2.31
CA PRO A 128 26.19 -0.96 -1.36
C PRO A 128 25.96 -0.14 -0.10
N ASN A 129 25.12 0.88 -0.21
CA ASN A 129 24.78 1.73 0.94
C ASN A 129 23.88 1.00 1.92
N ASN A 130 23.13 0.03 1.41
CA ASN A 130 22.24 -0.78 2.24
C ASN A 130 23.01 -1.91 2.91
N SER A 131 22.58 -2.27 4.12
CA SER A 131 23.32 -3.24 4.92
C SER A 131 22.50 -4.47 5.27
N ALA A 132 21.69 -4.95 4.33
CA ALA A 132 20.92 -6.17 4.53
C ALA A 132 21.90 -7.33 4.66
N ASP A 133 23.01 -7.25 3.94
CA ASP A 133 24.07 -8.24 4.05
C ASP A 133 24.71 -8.10 5.42
N SER A 134 25.51 -9.09 5.81
CA SER A 134 26.15 -9.13 7.13
C SER A 134 25.14 -9.13 8.27
N ASP A 135 23.90 -9.49 7.96
CA ASP A 135 22.85 -9.61 8.96
C ASP A 135 23.16 -10.85 9.79
N SER A 136 22.61 -10.93 11.00
CA SER A 136 22.84 -12.08 11.86
C SER A 136 22.32 -13.36 11.23
N ALA A 137 21.38 -13.20 10.30
CA ALA A 137 20.80 -14.34 9.59
C ALA A 137 21.10 -14.28 8.10
N ALA A 138 22.18 -13.61 7.72
CA ALA A 138 22.52 -13.49 6.31
C ALA A 138 23.13 -14.77 5.77
N ASP A 139 23.09 -14.91 4.44
CA ASP A 139 23.60 -16.11 3.79
C ASP A 139 25.11 -16.06 3.68
N SER A 140 25.70 -17.11 3.11
CA SER A 140 27.12 -17.14 2.84
C SER A 140 27.43 -16.38 1.56
N ASP A 141 26.37 -16.01 0.84
CA ASP A 141 26.50 -15.26 -0.40
C ASP A 141 25.97 -13.83 -0.24
N GLY A 142 25.37 -13.55 0.91
CA GLY A 142 24.85 -12.23 1.20
C GLY A 142 23.34 -12.16 1.11
N PHE A 143 22.73 -13.28 0.76
CA PHE A 143 21.27 -13.36 0.67
C PHE A 143 20.61 -13.33 2.05
N LEU A 144 19.43 -12.74 2.12
CA LEU A 144 18.67 -12.73 3.36
C LEU A 144 17.24 -13.14 3.08
N ARG A 145 16.76 -14.14 3.83
CA ARG A 145 15.41 -14.65 3.60
C ARG A 145 14.36 -13.59 3.96
N LEU A 146 13.28 -13.57 3.18
CA LEU A 146 12.23 -12.55 3.33
C LEU A 146 11.64 -12.54 4.74
N GLY A 147 11.65 -13.70 5.40
CA GLY A 147 11.14 -13.82 6.74
C GLY A 147 11.84 -12.89 7.72
N SER A 148 13.13 -12.68 7.51
CA SER A 148 13.90 -11.77 8.34
C SER A 148 13.63 -10.32 7.98
N PHE A 149 13.22 -10.07 6.73
CA PHE A 149 12.90 -8.72 6.29
C PHE A 149 11.56 -8.23 6.84
N LEU A 150 10.62 -9.17 7.01
CA LEU A 150 9.31 -8.83 7.54
C LEU A 150 8.90 -9.83 8.62
N PRO A 151 9.57 -9.78 9.77
CA PRO A 151 9.32 -10.76 10.82
C PRO A 151 8.00 -10.53 11.55
N HIS A 152 7.40 -11.62 12.03
CA HIS A 152 6.11 -11.58 12.72
C HIS A 152 5.09 -10.86 11.84
N ARG A 153 4.92 -11.40 10.64
CA ARG A 153 4.13 -10.78 9.58
C ARG A 153 2.64 -10.79 9.85
N PHE A 154 1.90 -10.13 8.96
CA PHE A 154 0.46 -10.22 8.92
C PHE A 154 0.10 -10.96 7.63
N GLY A 155 0.13 -12.28 7.69
CA GLY A 155 -0.08 -13.11 6.52
C GLY A 155 -1.52 -13.49 6.29
N PRO A 156 -1.79 -14.23 5.20
CA PRO A 156 -3.12 -14.71 4.84
C PRO A 156 -3.74 -15.57 5.93
N ASP A 157 -2.90 -16.24 6.72
CA ASP A 157 -3.35 -17.13 7.77
C ASP A 157 -4.13 -16.41 8.87
N ASP A 158 -3.99 -15.09 8.92
CA ASP A 158 -4.70 -14.28 9.91
C ASP A 158 -6.15 -14.06 9.51
N LEU A 159 -6.46 -14.33 8.23
CA LEU A 159 -7.81 -14.15 7.72
C LEU A 159 -8.38 -15.44 7.11
N LEU A 160 -7.49 -16.38 6.79
CA LEU A 160 -7.89 -17.62 6.12
C LEU A 160 -7.33 -18.87 6.79
N GLY A 161 -7.85 -20.03 6.38
CA GLY A 161 -7.44 -21.30 6.90
C GLY A 161 -7.39 -22.36 5.82
N LYS A 162 -6.22 -22.98 5.67
CA LYS A 162 -5.99 -24.01 4.64
C LYS A 162 -6.36 -23.78 3.18
N ASP A 163 -5.93 -22.65 2.64
CA ASP A 163 -6.33 -22.19 1.32
C ASP A 163 -5.26 -22.31 0.23
N HIS A 164 -5.62 -21.93 -1.00
CA HIS A 164 -4.67 -21.94 -2.09
C HIS A 164 -3.93 -20.61 -2.16
N PRO A 165 -2.62 -20.66 -2.45
CA PRO A 165 -1.75 -19.47 -2.55
C PRO A 165 -2.01 -18.65 -3.80
N LEU A 166 -1.10 -17.73 -4.10
CA LEU A 166 -1.25 -16.84 -5.25
C LEU A 166 -0.54 -17.38 -6.49
N LEU A 167 0.54 -18.13 -6.27
CA LEU A 167 1.33 -18.66 -7.38
C LEU A 167 0.79 -19.96 -7.94
N LEU A 168 -0.22 -20.53 -7.29
CA LEU A 168 -0.82 -21.78 -7.77
C LEU A 168 -1.84 -21.53 -8.88
N GLU A 169 -2.44 -22.62 -9.36
CA GLU A 169 -3.41 -22.55 -10.44
C GLU A 169 -4.79 -22.12 -9.96
N SER A 170 -4.94 -20.84 -9.64
CA SER A 170 -6.23 -20.30 -9.21
C SER A 170 -7.21 -20.32 -10.38
N HIS A 171 -8.30 -21.07 -10.24
CA HIS A 171 -9.29 -21.19 -11.31
C HIS A 171 -10.73 -21.05 -10.82
N ASP A 172 -11.16 -19.82 -10.58
CA ASP A 172 -12.54 -19.56 -10.20
C ASP A 172 -13.45 -19.49 -11.42
N ASN A 173 -14.69 -19.95 -11.25
CA ASN A 173 -15.65 -20.03 -12.33
C ASN A 173 -16.47 -18.74 -12.52
N HIS A 174 -16.49 -18.22 -13.74
CA HIS A 174 -17.30 -17.04 -14.05
C HIS A 174 -17.63 -16.94 -15.54
N LEU A 175 -18.88 -16.59 -15.82
CA LEU A 175 -19.36 -16.45 -17.19
C LEU A 175 -19.86 -15.04 -17.47
N LYS A 176 -20.29 -14.79 -18.70
CA LYS A 176 -20.83 -13.48 -19.08
C LYS A 176 -22.32 -13.57 -19.40
N ILE A 177 -22.91 -12.41 -19.70
CA ILE A 177 -24.33 -12.34 -20.05
C ILE A 177 -24.54 -12.59 -21.54
N SER A 191 -13.39 -6.92 -32.44
CA SER A 191 -13.09 -6.92 -31.00
C SER A 191 -13.77 -8.08 -30.29
N ALA A 192 -13.82 -9.23 -30.96
CA ALA A 192 -14.45 -10.42 -30.39
C ALA A 192 -13.47 -11.21 -29.54
N ASP A 193 -12.19 -11.10 -29.87
CA ASP A 193 -11.14 -11.80 -29.14
C ASP A 193 -10.57 -10.93 -28.03
N LEU A 194 -11.33 -9.92 -27.62
CA LEU A 194 -10.88 -9.01 -26.57
C LEU A 194 -11.60 -9.29 -25.26
N LYS A 195 -12.87 -9.69 -25.34
CA LYS A 195 -13.64 -9.99 -24.15
C LYS A 195 -13.48 -11.47 -23.81
N GLN A 196 -13.19 -12.27 -24.83
CA GLN A 196 -12.99 -13.70 -24.65
C GLN A 196 -11.70 -13.95 -23.89
N THR A 197 -10.76 -13.01 -24.02
CA THR A 197 -9.46 -13.11 -23.35
C THR A 197 -9.52 -12.55 -21.94
N ALA A 198 -10.43 -11.60 -21.72
CA ALA A 198 -10.59 -11.00 -20.41
C ALA A 198 -11.43 -11.89 -19.51
N LEU A 199 -12.02 -12.92 -20.10
CA LEU A 199 -12.81 -13.88 -19.34
C LEU A 199 -11.90 -14.87 -18.64
N ALA A 200 -10.93 -15.41 -19.39
CA ALA A 200 -9.98 -16.37 -18.85
C ALA A 200 -8.99 -15.67 -17.93
N ALA A 201 -8.89 -14.35 -18.06
CA ALA A 201 -8.01 -13.56 -17.21
C ALA A 201 -8.59 -13.43 -15.82
N ALA A 202 -9.91 -13.27 -15.74
CA ALA A 202 -10.59 -13.18 -14.45
C ALA A 202 -10.65 -14.55 -13.79
N ASN A 203 -10.53 -15.59 -14.61
CA ASN A 203 -10.54 -16.97 -14.11
C ASN A 203 -9.24 -17.32 -13.39
N ARG A 204 -8.16 -16.61 -13.73
CA ARG A 204 -6.85 -16.85 -13.13
C ARG A 204 -6.56 -15.83 -12.04
N SER A 205 -7.56 -15.06 -11.66
CA SER A 205 -7.41 -14.03 -10.65
C SER A 205 -7.26 -14.63 -9.24
N TYR A 206 -6.86 -13.79 -8.30
CA TYR A 206 -6.63 -14.22 -6.92
C TYR A 206 -7.19 -13.21 -5.94
N ALA A 207 -8.43 -13.44 -5.49
CA ALA A 207 -9.06 -12.55 -4.52
C ALA A 207 -9.87 -13.35 -3.49
N PRO A 208 -9.16 -14.00 -2.55
CA PRO A 208 -9.82 -14.84 -1.55
C PRO A 208 -10.33 -14.03 -0.36
N TYR A 209 -9.90 -12.78 -0.23
CA TYR A 209 -10.28 -11.93 0.88
C TYR A 209 -11.62 -11.28 0.59
N SER A 210 -11.69 -10.58 -0.54
CA SER A 210 -12.96 -10.08 -1.04
C SER A 210 -13.21 -10.81 -2.34
N LEU A 211 -14.37 -11.44 -2.48
CA LEU A 211 -14.59 -12.34 -3.59
C LEU A 211 -14.94 -11.55 -4.84
N CYS A 212 -13.96 -10.79 -5.32
CA CYS A 212 -14.12 -9.99 -6.53
C CYS A 212 -12.93 -10.13 -7.45
N PRO A 213 -12.93 -11.16 -8.31
CA PRO A 213 -11.87 -11.34 -9.30
C PRO A 213 -11.94 -10.28 -10.38
N SER A 214 -10.89 -10.14 -11.17
CA SER A 214 -10.86 -9.17 -12.26
C SER A 214 -9.87 -9.57 -13.34
N GLY A 215 -10.28 -9.44 -14.59
CA GLY A 215 -9.41 -9.74 -15.72
C GLY A 215 -9.43 -8.62 -16.74
N VAL A 216 -8.25 -8.16 -17.14
CA VAL A 216 -8.15 -7.02 -18.05
C VAL A 216 -7.33 -7.34 -19.30
N SER A 217 -7.94 -7.15 -20.47
CA SER A 217 -7.27 -7.38 -21.74
C SER A 217 -6.96 -6.07 -22.44
N LEU A 218 -5.89 -6.07 -23.24
CA LEU A 218 -5.46 -4.87 -23.96
C LEU A 218 -5.09 -5.21 -25.39
N VAL A 219 -5.31 -4.27 -26.31
CA VAL A 219 -4.95 -4.47 -27.71
C VAL A 219 -3.78 -3.59 -28.12
N ASP A 220 -3.27 -3.84 -29.32
CA ASP A 220 -2.13 -3.10 -29.85
C ASP A 220 -2.47 -2.55 -31.22
N CYS A 221 -1.65 -1.64 -31.73
CA CYS A 221 -1.86 -1.06 -33.04
C CYS A 221 -1.65 -2.11 -34.13
N ASP A 222 -1.00 -3.20 -33.77
CA ASP A 222 -0.76 -4.31 -34.70
C ASP A 222 -1.63 -5.50 -34.31
N GLY A 223 -2.58 -5.26 -33.40
CA GLY A 223 -3.53 -6.29 -33.02
C GLY A 223 -2.99 -7.37 -32.09
N LYS A 224 -2.26 -6.97 -31.07
CA LYS A 224 -1.71 -7.92 -30.10
C LYS A 224 -2.60 -8.01 -28.85
N VAL A 225 -3.00 -9.23 -28.51
CA VAL A 225 -3.87 -9.47 -27.36
C VAL A 225 -3.07 -9.61 -26.07
N TYR A 226 -3.47 -8.85 -25.04
CA TYR A 226 -2.80 -8.89 -23.75
C TYR A 226 -3.73 -9.41 -22.66
N ARG A 227 -3.21 -9.51 -21.45
CA ARG A 227 -4.00 -9.98 -20.31
C ARG A 227 -3.49 -9.44 -18.98
N GLY A 228 -4.35 -9.48 -17.97
CA GLY A 228 -3.99 -9.02 -16.64
C GLY A 228 -4.91 -9.62 -15.59
N TRP A 229 -4.34 -10.06 -14.46
CA TRP A 229 -5.07 -10.64 -13.32
C TRP A 229 -5.64 -9.65 -12.40
N TYR A 230 -6.11 -10.13 -11.26
CA TYR A 230 -6.30 -9.33 -10.06
C TYR A 230 -5.81 -10.15 -8.87
N MET A 231 -4.78 -9.66 -8.21
CA MET A 231 -4.22 -10.36 -7.07
C MET A 231 -4.39 -9.52 -5.80
N GLU A 232 -5.09 -10.09 -4.83
CA GLU A 232 -5.42 -9.39 -3.59
C GLU A 232 -4.45 -9.75 -2.47
N SER A 233 -4.29 -8.84 -1.52
CA SER A 233 -3.44 -9.09 -0.35
C SER A 233 -4.25 -9.08 0.93
N ALA A 234 -3.73 -9.72 1.97
CA ALA A 234 -4.38 -9.74 3.27
C ALA A 234 -4.50 -8.33 3.80
N ALA A 235 -3.46 -7.53 3.57
CA ALA A 235 -3.54 -6.09 3.82
C ALA A 235 -4.13 -5.47 2.58
N TYR A 236 -5.12 -4.59 2.77
CA TYR A 236 -5.89 -4.05 1.65
C TYR A 236 -5.09 -3.14 0.72
N ASN A 237 -4.44 -2.12 1.29
CA ASN A 237 -3.69 -1.15 0.50
C ASN A 237 -2.63 -1.73 -0.46
N PRO A 238 -1.86 -2.75 -0.03
CA PRO A 238 -0.91 -3.35 -0.98
C PRO A 238 -1.58 -4.20 -2.04
N SER A 239 -2.65 -3.70 -2.66
CA SER A 239 -3.37 -4.47 -3.67
C SER A 239 -2.87 -4.14 -5.07
N MET A 240 -2.77 -5.17 -5.91
CA MET A 240 -2.30 -5.01 -7.28
C MET A 240 -3.48 -4.82 -8.21
N GLY A 241 -3.58 -3.62 -8.80
CA GLY A 241 -4.70 -3.28 -9.66
C GLY A 241 -4.78 -4.16 -10.89
N PRO A 242 -6.01 -4.43 -11.36
CA PRO A 242 -6.24 -5.28 -12.53
C PRO A 242 -5.71 -4.64 -13.81
N VAL A 243 -5.89 -3.34 -13.95
CA VAL A 243 -5.38 -2.61 -15.10
C VAL A 243 -3.85 -2.57 -15.07
N GLN A 244 -3.31 -2.29 -13.89
CA GLN A 244 -1.86 -2.24 -13.70
C GLN A 244 -1.21 -3.58 -14.01
N ALA A 245 -1.88 -4.66 -13.63
CA ALA A 245 -1.36 -6.01 -13.86
C ALA A 245 -1.49 -6.42 -15.32
N ALA A 246 -2.17 -5.59 -16.10
CA ALA A 246 -2.27 -5.79 -17.54
C ALA A 246 -1.27 -4.88 -18.23
N LEU A 247 -0.95 -3.77 -17.56
CA LEU A 247 0.00 -2.80 -18.08
C LEU A 247 1.42 -3.34 -17.99
N VAL A 248 1.65 -4.27 -17.09
CA VAL A 248 2.96 -4.92 -16.97
C VAL A 248 3.16 -5.90 -18.11
N ASP A 249 2.06 -6.31 -18.72
CA ASP A 249 2.10 -7.23 -19.86
C ASP A 249 2.33 -6.43 -21.13
N TYR A 250 2.36 -5.11 -20.98
CA TYR A 250 2.65 -4.23 -22.11
C TYR A 250 4.11 -3.81 -22.10
N VAL A 251 4.60 -3.44 -20.92
CA VAL A 251 6.00 -3.04 -20.76
C VAL A 251 6.89 -4.25 -21.08
N ALA A 252 6.49 -5.41 -20.56
CA ALA A 252 7.12 -6.67 -20.89
C ALA A 252 6.36 -7.27 -22.07
N ASN A 253 7.07 -7.93 -22.97
CA ASN A 253 6.45 -8.51 -24.17
C ASN A 253 5.74 -7.47 -25.03
N GLY A 254 6.31 -6.26 -25.09
CA GLY A 254 5.74 -5.18 -25.86
C GLY A 254 6.83 -4.39 -26.57
N GLY A 255 6.50 -3.22 -27.10
CA GLY A 255 7.46 -2.44 -27.84
C GLY A 255 8.41 -1.66 -26.95
N GLY A 256 7.89 -1.10 -25.86
CA GLY A 256 8.74 -0.38 -24.92
C GLY A 256 9.03 1.08 -25.26
N GLY A 257 8.08 1.99 -25.05
CA GLY A 257 6.74 1.65 -24.60
C GLY A 257 5.78 2.77 -24.95
N GLY A 258 4.58 2.41 -25.38
CA GLY A 258 3.60 3.39 -25.80
C GLY A 258 2.37 3.47 -24.93
N TYR A 259 2.05 4.67 -24.46
CA TYR A 259 0.84 4.88 -23.67
C TYR A 259 -0.28 5.42 -24.55
N GLU A 260 -0.14 5.20 -25.86
CA GLU A 260 -1.11 5.67 -26.84
C GLU A 260 -1.86 4.49 -27.45
N ARG A 261 -2.18 3.50 -26.62
CA ARG A 261 -2.90 2.31 -27.07
C ARG A 261 -4.39 2.44 -26.82
N ILE A 262 -5.15 1.43 -27.24
CA ILE A 262 -6.60 1.52 -27.23
C ILE A 262 -7.28 0.51 -26.30
N VAL A 263 -8.03 1.05 -25.35
CA VAL A 263 -8.77 0.24 -24.39
C VAL A 263 -9.91 -0.39 -25.20
N GLY A 264 -10.32 -1.62 -24.89
CA GLY A 264 -9.74 -2.48 -23.87
C GLY A 264 -10.88 -3.19 -23.16
N ALA A 265 -10.57 -4.00 -22.15
CA ALA A 265 -11.62 -4.76 -21.47
C ALA A 265 -11.37 -4.95 -19.99
N VAL A 266 -12.36 -5.54 -19.31
CA VAL A 266 -12.33 -5.77 -17.87
C VAL A 266 -13.55 -6.59 -17.46
N LEU A 267 -13.40 -7.47 -16.48
CA LEU A 267 -14.54 -8.22 -15.97
C LEU A 267 -14.70 -8.05 -14.47
N VAL A 268 -15.73 -7.31 -14.06
CA VAL A 268 -15.97 -7.02 -12.67
C VAL A 268 -17.20 -7.85 -12.26
N GLU A 269 -17.67 -7.67 -11.04
CA GLU A 269 -18.89 -8.29 -10.54
C GLU A 269 -20.21 -7.94 -11.21
N LYS A 270 -21.20 -8.77 -10.94
CA LYS A 270 -22.57 -8.55 -11.41
C LYS A 270 -23.27 -7.51 -10.55
N GLU A 271 -23.32 -6.29 -11.08
CA GLU A 271 -23.87 -5.11 -10.40
C GLU A 271 -23.06 -4.65 -9.19
N ASP A 272 -21.73 -4.63 -9.33
CA ASP A 272 -20.83 -4.11 -8.30
C ASP A 272 -20.94 -4.62 -6.86
N ALA A 273 -20.78 -5.93 -6.71
CA ALA A 273 -20.95 -6.59 -5.42
C ALA A 273 -20.30 -6.04 -4.15
N VAL A 274 -18.98 -5.93 -4.17
CA VAL A 274 -18.21 -5.63 -2.96
C VAL A 274 -17.07 -4.66 -3.26
N VAL A 275 -16.28 -4.98 -4.28
CA VAL A 275 -15.11 -4.16 -4.63
C VAL A 275 -15.19 -3.66 -6.06
N ARG A 276 -15.84 -2.51 -6.26
CA ARG A 276 -15.98 -1.94 -7.59
C ARG A 276 -14.73 -1.18 -8.01
N GLN A 277 -14.21 -1.54 -9.18
CA GLN A 277 -13.02 -0.90 -9.74
C GLN A 277 -13.31 -0.35 -11.13
N GLU A 278 -14.59 -0.30 -11.48
CA GLU A 278 -15.03 0.13 -12.80
C GLU A 278 -14.64 1.58 -13.09
N HIS A 279 -15.15 2.50 -12.28
CA HIS A 279 -14.93 3.92 -12.51
C HIS A 279 -13.47 4.31 -12.31
N THR A 280 -12.79 3.58 -11.42
CA THR A 280 -11.38 3.84 -11.15
C THR A 280 -10.51 3.39 -12.32
N ALA A 281 -10.94 2.34 -13.00
CA ALA A 281 -10.22 1.82 -14.16
C ALA A 281 -10.21 2.83 -15.30
N ARG A 282 -11.38 3.38 -15.61
CA ARG A 282 -11.52 4.37 -16.67
CA ARG A 282 -11.48 4.36 -16.68
C ARG A 282 -10.76 5.64 -16.32
N LEU A 283 -10.75 5.99 -15.03
CA LEU A 283 -10.06 7.18 -14.55
C LEU A 283 -8.56 7.06 -14.78
N LEU A 284 -8.05 5.84 -14.66
CA LEU A 284 -6.63 5.57 -14.86
C LEU A 284 -6.31 5.64 -16.35
N LEU A 285 -7.13 5.00 -17.16
CA LEU A 285 -6.92 4.91 -18.60
C LEU A 285 -7.09 6.23 -19.34
N GLU A 286 -8.13 6.98 -18.99
CA GLU A 286 -8.46 8.23 -19.68
C GLU A 286 -7.41 9.31 -19.48
N THR A 287 -6.55 9.14 -18.49
CA THR A 287 -5.50 10.11 -18.21
C THR A 287 -4.21 9.77 -18.96
N ILE A 288 -3.94 8.48 -19.13
CA ILE A 288 -2.75 8.04 -19.84
C ILE A 288 -3.04 7.83 -21.33
N SER A 289 -4.29 7.51 -21.66
CA SER A 289 -4.70 7.29 -23.05
C SER A 289 -6.15 7.70 -23.28
N PRO A 290 -6.36 8.85 -23.93
CA PRO A 290 -7.67 9.44 -24.22
C PRO A 290 -8.61 8.47 -24.94
N LYS A 291 -8.03 7.57 -25.74
CA LYS A 291 -8.83 6.59 -26.50
C LYS A 291 -9.22 5.40 -25.64
N CYS A 292 -10.18 5.61 -24.73
CA CYS A 292 -10.61 4.54 -23.83
C CYS A 292 -11.91 3.89 -24.27
N GLU A 293 -12.24 2.77 -23.64
CA GLU A 293 -13.46 2.02 -23.96
C GLU A 293 -14.31 1.72 -22.73
N PHE A 294 -15.47 1.10 -22.98
CA PHE A 294 -16.43 0.77 -21.93
C PHE A 294 -15.96 -0.41 -21.09
N LYS A 295 -16.77 -0.80 -20.11
CA LYS A 295 -16.45 -1.90 -19.22
C LYS A 295 -17.54 -2.96 -19.22
N VAL A 296 -17.22 -4.16 -18.74
CA VAL A 296 -18.19 -5.25 -18.67
C VAL A 296 -18.37 -5.76 -17.25
N PHE A 297 -19.49 -5.38 -16.63
CA PHE A 297 -19.82 -5.81 -15.27
C PHE A 297 -20.65 -7.08 -15.32
N HIS A 298 -20.06 -8.15 -15.81
CA HIS A 298 -20.78 -9.42 -15.99
C HIS A 298 -19.95 -10.63 -15.58
N CYS A 299 -20.27 -11.20 -14.42
CA CYS A 299 -19.62 -12.41 -13.94
C CYS A 299 -20.58 -13.23 -13.10
N TYR A 300 -20.53 -14.55 -13.30
CA TYR A 300 -21.47 -15.47 -12.66
C TYR A 300 -20.75 -16.51 -11.82
N GLU A 301 -21.52 -17.42 -11.23
CA GLU A 301 -20.98 -18.49 -10.38
C GLU A 301 -20.31 -17.92 -9.14
N ALA A 302 -20.84 -16.81 -8.65
CA ALA A 302 -20.29 -16.16 -7.47
C ALA A 302 -20.63 -16.93 -6.20
N SER B 1 -14.18 1.00 34.36
CA SER B 1 -13.50 2.13 33.70
C SER B 1 -12.66 1.66 32.52
N MET B 2 -13.15 0.64 31.82
CA MET B 2 -12.42 0.09 30.68
C MET B 2 -13.34 -0.05 29.47
N ASP B 3 -14.39 0.76 29.42
CA ASP B 3 -15.37 0.69 28.33
C ASP B 3 -15.48 2.00 27.56
N LYS B 4 -15.60 1.89 26.25
CA LYS B 4 -15.79 3.05 25.38
C LYS B 4 -14.79 4.21 25.48
N PRO B 5 -13.50 3.91 25.34
CA PRO B 5 -12.47 4.95 25.46
C PRO B 5 -12.54 6.11 24.48
N SER B 6 -12.05 7.27 24.90
CA SER B 6 -11.95 8.44 24.06
C SER B 6 -10.85 8.25 23.01
N PHE B 7 -10.93 8.97 21.90
CA PHE B 7 -9.95 8.82 20.83
C PHE B 7 -8.68 9.57 21.18
N VAL B 8 -8.80 10.56 22.07
CA VAL B 8 -7.64 11.25 22.60
C VAL B 8 -7.81 11.40 24.11
N ILE B 9 -6.93 10.77 24.87
CA ILE B 9 -6.99 10.83 26.32
C ILE B 9 -5.91 11.75 26.90
N GLN B 10 -6.34 12.68 27.74
CA GLN B 10 -5.42 13.65 28.33
C GLN B 10 -4.44 12.98 29.28
N SER B 11 -3.28 13.63 29.47
CA SER B 11 -2.22 13.09 30.31
C SER B 11 -2.66 12.89 31.76
N LYS B 12 -3.41 13.85 32.27
CA LYS B 12 -3.88 13.80 33.67
C LYS B 12 -4.88 12.68 33.89
N GLU B 13 -5.64 12.34 32.85
CA GLU B 13 -6.65 11.30 32.95
C GLU B 13 -6.06 9.92 32.67
N ALA B 14 -4.91 9.89 32.02
CA ALA B 14 -4.25 8.64 31.67
C ALA B 14 -3.39 8.08 32.79
N GLU B 15 -2.51 8.92 33.33
CA GLU B 15 -1.61 8.51 34.40
C GLU B 15 -2.36 8.22 35.70
N SER B 16 -3.52 8.84 35.85
CA SER B 16 -4.37 8.63 37.02
C SER B 16 -5.02 7.25 36.95
N ALA B 17 -5.50 6.89 35.76
CA ALA B 17 -6.15 5.60 35.55
C ALA B 17 -5.18 4.45 35.75
N ALA B 18 -3.93 4.67 35.39
CA ALA B 18 -2.89 3.67 35.54
C ALA B 18 -2.48 3.51 37.00
N LYS B 19 -2.55 4.61 37.74
CA LYS B 19 -2.14 4.60 39.15
C LYS B 19 -3.11 3.80 40.02
N GLN B 20 -4.39 3.81 39.65
CA GLN B 20 -5.41 3.10 40.41
C GLN B 20 -5.38 1.61 40.11
N LEU B 21 -4.82 1.25 38.96
CA LEU B 21 -4.70 -0.15 38.57
C LEU B 21 -3.36 -0.74 39.01
N GLY B 22 -2.46 0.12 39.45
CA GLY B 22 -1.16 -0.34 39.94
C GLY B 22 -0.14 -0.58 38.84
N VAL B 23 -0.52 -0.32 37.60
CA VAL B 23 0.37 -0.53 36.47
C VAL B 23 1.00 0.77 35.99
N SER B 24 1.87 0.66 34.98
CA SER B 24 2.52 1.81 34.38
C SER B 24 1.66 2.38 33.26
N VAL B 25 1.97 3.60 32.84
CA VAL B 25 1.24 4.23 31.74
C VAL B 25 1.52 3.48 30.44
N ILE B 26 2.73 2.95 30.33
CA ILE B 26 3.12 2.17 29.17
C ILE B 26 2.33 0.86 29.15
N GLN B 27 2.22 0.25 30.33
CA GLN B 27 1.56 -1.04 30.49
C GLN B 27 0.04 -0.93 30.40
N LEU B 28 -0.47 0.29 30.28
CA LEU B 28 -1.91 0.52 30.22
C LEU B 28 -2.42 0.38 28.80
N LEU B 29 -1.52 0.52 27.83
CA LEU B 29 -1.88 0.46 26.42
C LEU B 29 -2.64 -0.80 25.99
N PRO B 30 -2.11 -2.00 26.31
CA PRO B 30 -2.82 -3.19 25.81
C PRO B 30 -4.21 -3.37 26.41
N SER B 31 -4.48 -2.67 27.52
CA SER B 31 -5.78 -2.74 28.17
C SER B 31 -6.83 -1.90 27.44
N LEU B 32 -6.37 -1.00 26.58
CA LEU B 32 -7.26 -0.10 25.85
C LEU B 32 -7.54 -0.58 24.42
N VAL B 33 -6.87 -1.66 24.03
CA VAL B 33 -7.00 -2.18 22.67
C VAL B 33 -8.34 -2.84 22.38
N LYS B 34 -8.76 -3.74 23.27
CA LYS B 34 -10.00 -4.51 23.08
C LYS B 34 -11.28 -3.66 22.96
N PRO B 35 -11.51 -2.72 23.89
CA PRO B 35 -12.74 -1.93 23.74
C PRO B 35 -12.72 -1.02 22.53
N ALA B 36 -11.53 -0.60 22.10
CA ALA B 36 -11.39 0.31 20.97
C ALA B 36 -11.72 -0.36 19.64
N GLN B 37 -11.74 -1.70 19.63
CA GLN B 37 -12.02 -2.45 18.41
C GLN B 37 -13.45 -2.28 17.93
N SER B 38 -14.35 -1.91 18.85
CA SER B 38 -15.75 -1.73 18.51
C SER B 38 -15.95 -0.54 17.56
N TYR B 39 -15.00 0.39 17.61
CA TYR B 39 -15.06 1.59 16.78
C TYR B 39 -14.74 1.30 15.31
N ALA B 40 -14.28 0.08 15.04
CA ALA B 40 -13.85 -0.28 13.70
C ALA B 40 -14.98 -0.35 12.68
N ARG B 41 -14.93 0.57 11.72
CA ARG B 41 -15.86 0.56 10.61
C ARG B 41 -15.29 -0.31 9.49
N THR B 42 -15.56 -1.60 9.58
CA THR B 42 -15.07 -2.56 8.60
C THR B 42 -16.21 -3.30 7.91
N PRO B 43 -16.85 -2.65 6.93
CA PRO B 43 -17.98 -3.24 6.19
C PRO B 43 -17.54 -4.41 5.31
N ILE B 44 -16.31 -4.36 4.81
CA ILE B 44 -15.83 -5.37 3.87
C ILE B 44 -15.26 -6.60 4.56
N SER B 45 -14.23 -6.41 5.38
CA SER B 45 -13.53 -7.53 6.00
C SER B 45 -14.23 -8.04 7.26
N LYS B 46 -14.95 -7.15 7.92
CA LYS B 46 -15.53 -7.43 9.24
C LYS B 46 -14.43 -7.86 10.21
N PHE B 47 -13.26 -7.24 10.07
CA PHE B 47 -12.09 -7.55 10.87
C PHE B 47 -11.64 -6.29 11.61
N ASN B 48 -11.95 -6.24 12.90
CA ASN B 48 -11.72 -5.03 13.69
C ASN B 48 -10.30 -4.94 14.25
N VAL B 49 -9.56 -3.93 13.80
CA VAL B 49 -8.20 -3.68 14.29
C VAL B 49 -8.08 -2.32 14.94
N ALA B 50 -7.66 -2.30 16.20
CA ALA B 50 -7.49 -1.05 16.92
C ALA B 50 -6.05 -0.90 17.41
N VAL B 51 -5.60 0.34 17.53
CA VAL B 51 -4.27 0.62 18.05
C VAL B 51 -4.28 1.87 18.93
N VAL B 52 -3.78 1.72 20.15
CA VAL B 52 -3.71 2.83 21.09
C VAL B 52 -2.26 3.23 21.38
N GLY B 53 -1.91 4.46 21.06
CA GLY B 53 -0.54 4.93 21.17
C GLY B 53 -0.30 5.99 22.23
N LEU B 54 0.96 6.13 22.62
CA LEU B 54 1.36 7.13 23.61
C LEU B 54 2.46 8.05 23.08
N GLY B 55 2.25 9.35 23.22
CA GLY B 55 3.20 10.33 22.75
C GLY B 55 4.17 10.78 23.84
N SER B 56 4.99 11.78 23.52
CA SER B 56 5.94 12.33 24.47
C SER B 56 5.26 13.31 25.43
N SER B 57 4.12 13.84 24.99
CA SER B 57 3.37 14.79 25.81
C SER B 57 2.66 14.08 26.96
N GLY B 58 2.42 12.78 26.79
CA GLY B 58 1.75 11.99 27.79
C GLY B 58 0.33 11.67 27.39
N ARG B 59 -0.16 12.34 26.34
CA ARG B 59 -1.51 12.11 25.86
C ARG B 59 -1.61 10.76 25.16
N ILE B 60 -2.76 10.10 25.33
CA ILE B 60 -3.00 8.80 24.72
C ILE B 60 -3.91 8.94 23.51
N PHE B 61 -3.41 8.49 22.37
CA PHE B 61 -4.15 8.59 21.11
C PHE B 61 -4.66 7.22 20.67
N LEU B 62 -5.74 7.21 19.92
CA LEU B 62 -6.31 5.96 19.41
C LEU B 62 -6.29 5.93 17.88
N GLY B 63 -6.13 4.73 17.34
CA GLY B 63 -6.13 4.53 15.90
C GLY B 63 -7.01 3.35 15.54
N VAL B 64 -7.83 3.51 14.50
CA VAL B 64 -8.79 2.49 14.12
C VAL B 64 -8.87 2.36 12.59
N ASN B 65 -9.02 1.13 12.10
CA ASN B 65 -9.08 0.88 10.67
C ASN B 65 -10.48 1.11 10.10
N VAL B 66 -10.54 1.78 8.95
CA VAL B 66 -11.81 2.05 8.27
C VAL B 66 -11.77 1.57 6.82
N GLU B 67 -12.90 1.10 6.33
CA GLU B 67 -12.98 0.58 4.97
C GLU B 67 -14.11 1.24 4.19
N PHE B 68 -13.98 1.27 2.87
CA PHE B 68 -14.98 1.87 2.00
C PHE B 68 -15.51 0.86 0.98
N PRO B 69 -16.77 0.43 1.15
CA PRO B 69 -17.35 -0.58 0.27
C PRO B 69 -17.59 -0.03 -1.13
N ASN B 70 -17.54 -0.90 -2.14
CA ASN B 70 -17.72 -0.53 -3.55
C ASN B 70 -16.60 0.34 -4.11
N LEU B 71 -15.45 0.32 -3.44
CA LEU B 71 -14.25 1.00 -3.92
C LEU B 71 -13.08 0.02 -3.90
N PRO B 72 -12.02 0.31 -4.67
CA PRO B 72 -10.81 -0.52 -4.59
C PRO B 72 -10.18 -0.46 -3.20
N LEU B 73 -9.45 -1.51 -2.84
CA LEU B 73 -8.93 -1.64 -1.48
C LEU B 73 -7.93 -0.56 -1.07
N HIS B 74 -7.33 0.09 -2.06
CA HIS B 74 -6.31 1.11 -1.77
C HIS B 74 -6.92 2.42 -1.27
N HIS B 75 -8.24 2.45 -1.12
CA HIS B 75 -8.91 3.60 -0.54
C HIS B 75 -9.08 3.40 0.95
N SER B 76 -8.97 2.15 1.39
CA SER B 76 -9.14 1.82 2.81
C SER B 76 -7.98 2.37 3.64
N ILE B 77 -8.26 2.64 4.91
CA ILE B 77 -7.25 3.18 5.81
C ILE B 77 -7.02 2.25 6.99
N HIS B 78 -5.79 1.77 7.14
CA HIS B 78 -5.45 0.85 8.21
C HIS B 78 -5.41 1.57 9.56
N ALA B 79 -5.36 0.79 10.63
CA ALA B 79 -5.39 1.33 11.99
C ALA B 79 -4.14 2.14 12.32
N GLU B 80 -2.99 1.67 11.85
CA GLU B 80 -1.71 2.34 12.12
C GLU B 80 -1.68 3.74 11.53
N GLN B 81 -2.18 3.88 10.31
CA GLN B 81 -2.23 5.19 9.64
C GLN B 81 -3.15 6.13 10.39
N PHE B 82 -4.25 5.60 10.91
CA PHE B 82 -5.23 6.39 11.65
C PHE B 82 -4.57 7.02 12.88
N LEU B 83 -3.73 6.25 13.56
CA LEU B 83 -3.05 6.72 14.76
C LEU B 83 -2.13 7.90 14.45
N VAL B 84 -1.41 7.80 13.34
CA VAL B 84 -0.49 8.85 12.93
C VAL B 84 -1.24 10.13 12.63
N THR B 85 -2.31 10.03 11.84
CA THR B 85 -3.13 11.18 11.49
C THR B 85 -3.76 11.81 12.73
N ASN B 86 -4.22 10.97 13.65
CA ASN B 86 -4.92 11.44 14.85
C ASN B 86 -4.05 12.32 15.73
N LEU B 87 -2.81 11.91 15.95
CA LEU B 87 -1.90 12.66 16.82
C LEU B 87 -1.26 13.83 16.09
N THR B 88 -1.22 13.76 14.77
CA THR B 88 -0.68 14.85 13.97
C THR B 88 -1.64 16.03 13.97
N LEU B 89 -2.93 15.72 13.93
CA LEU B 89 -3.97 16.75 13.96
C LEU B 89 -4.01 17.45 15.31
N ASN B 90 -3.58 16.74 16.35
CA ASN B 90 -3.53 17.30 17.69
C ASN B 90 -2.16 17.90 18.00
N GLY B 91 -1.28 17.89 17.00
CA GLY B 91 0.03 18.51 17.13
C GLY B 91 0.98 17.77 18.04
N GLU B 92 0.85 16.45 18.10
CA GLU B 92 1.76 15.64 18.89
C GLU B 92 3.11 15.57 18.20
N ARG B 93 4.17 15.84 18.96
CA ARG B 93 5.51 15.93 18.39
C ARG B 93 6.20 14.58 18.22
N HIS B 94 5.92 13.65 19.14
CA HIS B 94 6.60 12.36 19.14
C HIS B 94 5.68 11.18 19.41
N LEU B 95 6.05 10.02 18.87
CA LEU B 95 5.32 8.77 19.13
C LEU B 95 6.32 7.68 19.50
N ASN B 96 6.19 7.16 20.72
CA ASN B 96 7.17 6.21 21.24
C ASN B 96 6.64 4.79 21.38
N PHE B 97 5.39 4.67 21.82
CA PHE B 97 4.80 3.36 22.08
C PHE B 97 3.40 3.24 21.50
N PHE B 98 3.04 2.04 21.07
CA PHE B 98 1.64 1.74 20.73
C PHE B 98 1.33 0.25 20.78
N ALA B 99 0.16 -0.08 21.30
CA ALA B 99 -0.32 -1.46 21.35
C ALA B 99 -1.38 -1.67 20.28
N VAL B 100 -1.16 -2.63 19.40
CA VAL B 100 -2.06 -2.89 18.28
C VAL B 100 -2.74 -4.24 18.41
N SER B 101 -3.99 -4.33 17.93
CA SER B 101 -4.78 -5.54 18.02
C SER B 101 -4.22 -6.70 17.21
N ALA B 102 -3.56 -6.38 16.10
CA ALA B 102 -3.01 -7.41 15.21
C ALA B 102 -1.68 -6.96 14.64
N ALA B 103 -0.91 -7.91 14.13
CA ALA B 103 0.41 -7.62 13.57
C ALA B 103 0.32 -6.59 12.45
N PRO B 104 0.99 -5.44 12.63
CA PRO B 104 1.01 -4.38 11.61
C PRO B 104 1.56 -4.89 10.29
N CYS B 105 0.87 -4.58 9.20
CA CYS B 105 1.30 -5.00 7.88
C CYS B 105 2.51 -4.20 7.43
N GLY B 106 3.21 -4.68 6.42
CA GLY B 106 4.37 -4.01 5.89
C GLY B 106 4.04 -2.64 5.32
N HIS B 107 2.80 -2.52 4.84
CA HIS B 107 2.31 -1.25 4.30
C HIS B 107 2.34 -0.13 5.34
N CYS B 108 2.05 -0.49 6.58
CA CYS B 108 2.04 0.48 7.68
C CYS B 108 3.42 0.68 8.27
N ARG B 109 4.20 -0.40 8.35
CA ARG B 109 5.56 -0.33 8.86
C ARG B 109 6.43 0.55 7.96
N GLN B 110 6.12 0.56 6.67
CA GLN B 110 6.82 1.40 5.72
C GLN B 110 6.36 2.84 5.87
N PHE B 111 5.08 3.02 6.20
CA PHE B 111 4.50 4.35 6.37
C PHE B 111 5.06 5.05 7.61
N LEU B 112 5.37 4.28 8.64
CA LEU B 112 5.86 4.83 9.89
C LEU B 112 7.29 5.36 9.79
N GLN B 113 7.94 5.12 8.66
CA GLN B 113 9.32 5.51 8.46
C GLN B 113 9.46 7.01 8.22
N GLU B 114 8.34 7.72 8.16
CA GLU B 114 8.35 9.16 7.95
C GLU B 114 8.58 9.90 9.27
N ILE B 115 8.49 9.17 10.37
CA ILE B 115 8.71 9.73 11.69
C ILE B 115 10.19 9.63 12.07
N ARG B 116 10.72 10.67 12.70
CA ARG B 116 12.09 10.66 13.18
C ARG B 116 12.25 9.61 14.27
N ASP B 117 13.36 8.87 14.22
CA ASP B 117 13.64 7.79 15.17
C ASP B 117 12.55 6.71 15.15
N ALA B 118 12.00 6.47 13.97
CA ALA B 118 10.96 5.45 13.78
C ALA B 118 11.37 4.03 14.22
N PRO B 119 12.61 3.60 13.93
CA PRO B 119 12.99 2.26 14.41
C PRO B 119 12.96 2.12 15.93
N GLU B 120 13.04 3.23 16.66
CA GLU B 120 13.06 3.17 18.12
C GLU B 120 11.66 3.08 18.72
N ILE B 121 10.64 3.13 17.87
CA ILE B 121 9.25 3.01 18.32
C ILE B 121 8.93 1.59 18.76
N LYS B 122 8.73 1.39 20.05
CA LYS B 122 8.38 0.08 20.58
C LYS B 122 6.93 -0.30 20.25
N ILE B 123 6.73 -1.55 19.86
CA ILE B 123 5.40 -2.02 19.44
C ILE B 123 4.99 -3.28 20.19
N LEU B 124 3.75 -3.30 20.66
CA LEU B 124 3.20 -4.48 21.31
C LEU B 124 1.98 -4.96 20.53
N ILE B 125 1.90 -6.27 20.31
CA ILE B 125 0.76 -6.82 19.58
C ILE B 125 -0.15 -7.62 20.52
N THR B 126 -1.42 -7.24 20.53
CA THR B 126 -2.41 -7.82 21.44
C THR B 126 -2.79 -9.23 21.01
N ASP B 127 -2.82 -9.47 19.70
CA ASP B 127 -3.23 -10.75 19.14
C ASP B 127 -2.49 -11.92 19.76
N PRO B 128 -3.22 -12.77 20.51
CA PRO B 128 -2.64 -13.90 21.23
C PRO B 128 -2.07 -14.94 20.27
N ASN B 129 -2.56 -14.96 19.04
CA ASN B 129 -2.04 -15.87 18.03
C ASN B 129 -0.66 -15.45 17.57
N ASN B 130 -0.39 -14.14 17.65
CA ASN B 130 0.92 -13.59 17.30
C ASN B 130 1.89 -13.67 18.47
N SER B 131 3.17 -13.91 18.18
CA SER B 131 4.17 -14.09 19.24
C SER B 131 5.35 -13.14 19.16
N ALA B 132 5.09 -11.90 18.74
CA ALA B 132 6.13 -10.88 18.69
C ALA B 132 6.63 -10.51 20.09
N ASP B 133 5.72 -10.59 21.07
CA ASP B 133 6.06 -10.27 22.45
C ASP B 133 7.07 -11.24 23.05
N SER B 134 7.26 -12.38 22.38
CA SER B 134 8.14 -13.42 22.89
C SER B 134 9.43 -13.51 22.07
N ASP B 135 9.73 -12.46 21.33
CA ASP B 135 10.95 -12.42 20.55
C ASP B 135 12.14 -12.31 21.50
N SER B 136 13.31 -12.76 21.03
CA SER B 136 14.52 -12.72 21.83
C SER B 136 14.96 -11.29 22.17
N ALA B 137 14.46 -10.32 21.40
CA ALA B 137 14.81 -8.93 21.61
C ALA B 137 13.62 -8.12 22.11
N ALA B 138 12.68 -8.81 22.75
CA ALA B 138 11.47 -8.17 23.26
C ALA B 138 11.71 -7.42 24.56
N ASP B 139 10.78 -6.54 24.90
CA ASP B 139 10.85 -5.72 26.10
C ASP B 139 10.50 -6.57 27.32
N SER B 140 10.51 -5.97 28.50
CA SER B 140 10.10 -6.67 29.71
C SER B 140 8.57 -6.69 29.79
N ASP B 141 7.94 -5.92 28.90
CA ASP B 141 6.49 -5.88 28.83
C ASP B 141 6.00 -6.53 27.53
N GLY B 142 6.94 -6.87 26.65
CA GLY B 142 6.60 -7.53 25.41
C GLY B 142 6.70 -6.64 24.19
N PHE B 143 7.05 -5.38 24.39
CA PHE B 143 7.20 -4.45 23.28
C PHE B 143 8.41 -4.78 22.43
N LEU B 144 8.28 -4.57 21.13
CA LEU B 144 9.38 -4.79 20.21
C LEU B 144 9.52 -3.58 19.29
N ARG B 145 10.71 -3.01 19.24
CA ARG B 145 10.95 -1.80 18.47
C ARG B 145 10.76 -2.01 16.97
N LEU B 146 10.23 -0.99 16.31
CA LEU B 146 9.89 -1.04 14.89
C LEU B 146 11.07 -1.43 14.01
N GLY B 147 12.27 -1.08 14.45
CA GLY B 147 13.48 -1.42 13.73
C GLY B 147 13.62 -2.91 13.51
N SER B 148 13.17 -3.68 14.49
CA SER B 148 13.20 -5.13 14.39
C SER B 148 12.07 -5.65 13.49
N PHE B 149 10.98 -4.89 13.43
CA PHE B 149 9.85 -5.27 12.58
C PHE B 149 10.14 -5.00 11.11
N LEU B 150 10.94 -3.96 10.85
CA LEU B 150 11.29 -3.61 9.48
C LEU B 150 12.78 -3.33 9.35
N PRO B 151 13.61 -4.38 9.46
CA PRO B 151 15.06 -4.22 9.41
C PRO B 151 15.54 -3.94 7.99
N HIS B 152 16.66 -3.22 7.87
CA HIS B 152 17.22 -2.84 6.57
C HIS B 152 16.15 -2.14 5.75
N ARG B 153 15.61 -1.06 6.31
CA ARG B 153 14.46 -0.36 5.74
C ARG B 153 14.79 0.39 4.46
N PHE B 154 13.74 0.90 3.83
CA PHE B 154 13.87 1.84 2.73
C PHE B 154 13.30 3.17 3.19
N GLY B 155 14.14 3.95 3.87
CA GLY B 155 13.68 5.19 4.47
C GLY B 155 13.81 6.40 3.58
N PRO B 156 13.36 7.57 4.07
CA PRO B 156 13.42 8.84 3.33
C PRO B 156 14.84 9.22 2.94
N ASP B 157 15.82 8.77 3.71
CA ASP B 157 17.22 9.07 3.43
C ASP B 157 17.70 8.48 2.11
N ASP B 158 16.94 7.53 1.59
CA ASP B 158 17.26 6.90 0.32
C ASP B 158 16.85 7.78 -0.87
N LEU B 159 16.03 8.79 -0.60
CA LEU B 159 15.58 9.70 -1.64
C LEU B 159 15.94 11.15 -1.33
N LEU B 160 16.22 11.42 -0.05
CA LEU B 160 16.57 12.76 0.41
C LEU B 160 17.81 12.62 1.29
N GLY B 161 18.45 13.74 1.64
CA GLY B 161 19.68 13.66 2.42
C GLY B 161 19.63 14.07 3.87
N LYS B 162 18.98 15.19 4.13
CA LYS B 162 18.92 15.78 5.47
C LYS B 162 17.64 16.60 5.58
N ASP B 163 16.56 15.96 6.02
CA ASP B 163 15.24 16.57 5.91
C ASP B 163 14.45 16.57 7.21
N HIS B 164 13.31 17.26 7.16
CA HIS B 164 12.39 17.35 8.29
C HIS B 164 11.35 16.25 8.20
N PRO B 165 10.98 15.67 9.36
CA PRO B 165 9.97 14.61 9.42
C PRO B 165 8.56 15.14 9.17
N LEU B 166 7.56 14.31 9.43
CA LEU B 166 6.16 14.72 9.21
C LEU B 166 5.52 15.25 10.48
N LEU B 167 6.00 14.79 11.64
CA LEU B 167 5.43 15.17 12.91
C LEU B 167 5.94 16.53 13.40
N LEU B 168 6.90 17.08 12.68
CA LEU B 168 7.44 18.40 13.01
C LEU B 168 6.53 19.50 12.48
N GLU B 169 6.94 20.75 12.69
CA GLU B 169 6.12 21.88 12.27
C GLU B 169 6.24 22.14 10.76
N SER B 170 5.62 21.26 9.97
CA SER B 170 5.61 21.39 8.52
CA SER B 170 5.61 21.39 8.52
C SER B 170 4.74 22.57 8.11
N HIS B 171 5.38 23.70 7.84
CA HIS B 171 4.65 24.91 7.48
C HIS B 171 5.27 25.61 6.27
N ASP B 172 4.97 25.11 5.08
CA ASP B 172 5.42 25.74 3.85
C ASP B 172 4.50 26.90 3.50
N ASN B 173 5.07 27.97 2.95
CA ASN B 173 4.29 29.15 2.64
C ASN B 173 3.69 29.09 1.24
N HIS B 174 2.37 29.18 1.16
CA HIS B 174 1.66 29.20 -0.12
C HIS B 174 0.24 29.75 0.06
N LEU B 175 -0.19 30.57 -0.89
CA LEU B 175 -1.51 31.19 -0.83
C LEU B 175 -2.38 30.76 -2.01
N ASP B 193 -17.31 31.70 4.77
CA ASP B 193 -16.02 31.16 4.38
C ASP B 193 -15.95 29.65 4.60
N LEU B 194 -16.01 28.91 3.50
CA LEU B 194 -15.96 27.46 3.54
C LEU B 194 -14.61 26.92 3.08
N LYS B 195 -14.00 27.65 2.15
CA LYS B 195 -12.72 27.26 1.56
C LYS B 195 -11.52 27.79 2.34
N GLN B 196 -11.74 28.82 3.15
CA GLN B 196 -10.67 29.47 3.90
C GLN B 196 -10.03 28.54 4.94
N THR B 197 -10.76 27.52 5.37
CA THR B 197 -10.25 26.58 6.36
C THR B 197 -9.40 25.49 5.72
N ALA B 198 -9.65 25.22 4.43
CA ALA B 198 -8.89 24.21 3.70
C ALA B 198 -7.53 24.73 3.25
N LEU B 199 -7.29 26.02 3.45
CA LEU B 199 -6.03 26.64 3.09
C LEU B 199 -4.95 26.32 4.13
N ALA B 200 -5.32 26.46 5.41
CA ALA B 200 -4.38 26.20 6.50
C ALA B 200 -4.08 24.71 6.62
N ALA B 201 -4.96 23.89 6.06
CA ALA B 201 -4.78 22.45 6.06
C ALA B 201 -3.68 22.05 5.08
N ALA B 202 -3.63 22.74 3.95
CA ALA B 202 -2.62 22.47 2.93
C ALA B 202 -1.25 22.98 3.35
N ASN B 203 -1.23 23.93 4.28
CA ASN B 203 0.03 24.48 4.79
C ASN B 203 0.74 23.47 5.69
N ARG B 204 -0.01 22.56 6.28
CA ARG B 204 0.53 21.56 7.18
C ARG B 204 0.73 20.22 6.49
N SER B 205 0.63 20.22 5.16
CA SER B 205 0.79 18.99 4.39
C SER B 205 2.24 18.53 4.39
N TYR B 206 2.47 17.29 3.95
CA TYR B 206 3.81 16.71 3.96
C TYR B 206 4.08 15.94 2.66
N ALA B 207 4.70 16.61 1.70
CA ALA B 207 5.03 15.99 0.42
C ALA B 207 6.40 16.41 -0.09
N PRO B 208 7.49 15.88 0.52
CA PRO B 208 8.85 16.26 0.13
C PRO B 208 9.37 15.46 -1.06
N TYR B 209 8.69 14.37 -1.42
CA TYR B 209 9.13 13.52 -2.52
C TYR B 209 8.61 14.07 -3.85
N SER B 210 7.29 14.24 -3.90
CA SER B 210 6.66 14.92 -5.03
C SER B 210 6.03 16.19 -4.47
N LEU B 211 6.35 17.33 -5.07
CA LEU B 211 5.98 18.61 -4.49
C LEU B 211 4.53 18.95 -4.80
N CYS B 212 3.62 18.17 -4.23
CA CYS B 212 2.19 18.38 -4.41
C CYS B 212 1.45 18.23 -3.08
N PRO B 213 1.37 19.32 -2.31
CA PRO B 213 0.61 19.32 -1.05
C PRO B 213 -0.89 19.26 -1.30
N SER B 214 -1.66 18.94 -0.26
CA SER B 214 -3.11 18.90 -0.37
C SER B 214 -3.76 19.06 1.00
N GLY B 215 -4.81 19.88 1.06
CA GLY B 215 -5.56 20.09 2.28
C GLY B 215 -7.04 19.97 2.05
N VAL B 216 -7.71 19.16 2.87
CA VAL B 216 -9.14 18.91 2.68
C VAL B 216 -9.97 19.20 3.93
N SER B 217 -10.93 20.10 3.79
CA SER B 217 -11.85 20.42 4.88
C SER B 217 -13.27 19.93 4.58
N LEU B 218 -14.01 19.61 5.63
CA LEU B 218 -15.37 19.10 5.48
C LEU B 218 -16.33 19.72 6.48
N VAL B 219 -17.58 19.88 6.08
CA VAL B 219 -18.62 20.43 6.97
C VAL B 219 -19.64 19.35 7.34
N ASP B 220 -20.48 19.66 8.31
CA ASP B 220 -21.48 18.71 8.79
C ASP B 220 -22.88 19.31 8.80
N CYS B 221 -23.89 18.46 8.97
CA CYS B 221 -25.28 18.90 9.04
C CYS B 221 -25.52 19.73 10.30
N ASP B 222 -24.61 19.62 11.26
CA ASP B 222 -24.73 20.38 12.50
C ASP B 222 -23.66 21.47 12.53
N GLY B 223 -23.01 21.68 11.40
CA GLY B 223 -22.02 22.74 11.25
C GLY B 223 -20.69 22.51 11.94
N LYS B 224 -20.14 21.30 11.80
CA LYS B 224 -18.84 20.98 12.38
C LYS B 224 -17.72 21.07 11.35
N VAL B 225 -16.69 21.86 11.66
CA VAL B 225 -15.56 22.03 10.74
C VAL B 225 -14.49 20.96 10.96
N TYR B 226 -14.11 20.29 9.87
CA TYR B 226 -13.09 19.25 9.93
C TYR B 226 -11.87 19.62 9.06
N ARG B 227 -10.86 18.75 9.08
CA ARG B 227 -9.66 18.98 8.29
C ARG B 227 -8.93 17.67 7.94
N GLY B 228 -8.10 17.73 6.91
CA GLY B 228 -7.31 16.59 6.49
C GLY B 228 -6.11 17.01 5.66
N TRP B 229 -4.94 16.45 5.84
CA TRP B 229 -4.01 16.77 4.80
C TRP B 229 -3.39 15.64 4.14
N TYR B 230 -2.32 15.93 3.43
CA TYR B 230 -1.73 14.90 2.59
C TYR B 230 -0.29 14.63 3.02
N MET B 231 -0.04 13.41 3.48
CA MET B 231 1.27 13.01 3.95
C MET B 231 1.85 11.89 3.09
N GLU B 232 3.04 12.12 2.55
CA GLU B 232 3.67 11.16 1.64
C GLU B 232 4.63 10.21 2.34
N SER B 233 4.82 9.05 1.73
CA SER B 233 5.77 8.06 2.22
C SER B 233 6.87 7.86 1.18
N ALA B 234 8.02 7.36 1.63
CA ALA B 234 9.14 7.10 0.72
C ALA B 234 8.70 6.09 -0.34
N ALA B 235 7.91 5.11 0.07
CA ALA B 235 7.24 4.21 -0.86
C ALA B 235 5.96 4.89 -1.28
N TYR B 236 5.69 4.90 -2.58
CA TYR B 236 4.58 5.67 -3.11
C TYR B 236 3.20 5.18 -2.69
N ASN B 237 2.93 3.90 -2.91
CA ASN B 237 1.62 3.32 -2.58
C ASN B 237 1.12 3.51 -1.13
N PRO B 238 2.02 3.36 -0.13
CA PRO B 238 1.53 3.62 1.25
C PRO B 238 1.32 5.10 1.56
N SER B 239 0.71 5.84 0.66
CA SER B 239 0.46 7.27 0.89
C SER B 239 -0.92 7.46 1.48
N MET B 240 -1.04 8.41 2.42
CA MET B 240 -2.30 8.68 3.07
C MET B 240 -3.05 9.78 2.34
N GLY B 241 -4.18 9.43 1.74
CA GLY B 241 -4.96 10.37 0.94
C GLY B 241 -5.47 11.55 1.74
N PRO B 242 -5.56 12.72 1.09
CA PRO B 242 -6.01 13.96 1.74
C PRO B 242 -7.47 13.86 2.19
N VAL B 243 -8.31 13.25 1.36
CA VAL B 243 -9.70 13.04 1.70
C VAL B 243 -9.81 12.05 2.85
N GLN B 244 -9.03 10.98 2.76
CA GLN B 244 -9.01 9.95 3.79
C GLN B 244 -8.56 10.51 5.13
N ALA B 245 -7.60 11.43 5.09
CA ALA B 245 -7.07 12.05 6.29
C ALA B 245 -8.03 13.11 6.84
N ALA B 246 -9.09 13.39 6.09
CA ALA B 246 -10.11 14.31 6.54
C ALA B 246 -11.29 13.54 7.13
N LEU B 247 -11.48 12.32 6.64
CA LEU B 247 -12.56 11.46 7.13
C LEU B 247 -12.25 10.93 8.52
N VAL B 248 -10.97 10.93 8.89
CA VAL B 248 -10.57 10.50 10.22
C VAL B 248 -10.92 11.56 11.27
N ASP B 249 -11.12 12.78 10.81
CA ASP B 249 -11.51 13.88 11.69
C ASP B 249 -13.01 13.89 11.89
N TYR B 250 -13.71 13.02 11.16
CA TYR B 250 -15.16 12.91 11.29
C TYR B 250 -15.55 11.76 12.21
N VAL B 251 -14.92 10.61 12.02
CA VAL B 251 -15.16 9.45 12.88
C VAL B 251 -14.70 9.74 14.30
N ALA B 252 -13.52 10.32 14.43
CA ALA B 252 -13.02 10.77 15.73
C ALA B 252 -13.39 12.22 15.95
N ASN B 253 -13.78 12.54 17.18
CA ASN B 253 -14.21 13.89 17.56
C ASN B 253 -15.34 14.42 16.69
N GLY B 254 -16.22 13.52 16.24
CA GLY B 254 -17.32 13.90 15.39
C GLY B 254 -18.61 13.15 15.67
N GLY B 255 -19.56 13.27 14.75
CA GLY B 255 -20.86 12.65 14.90
C GLY B 255 -20.85 11.18 14.51
N GLY B 256 -20.05 10.85 13.51
CA GLY B 256 -19.96 9.48 13.05
C GLY B 256 -21.02 9.14 12.02
N GLY B 257 -20.80 9.62 10.79
CA GLY B 257 -21.72 9.39 9.69
C GLY B 257 -20.96 9.52 8.38
N GLY B 258 -21.29 8.67 7.41
CA GLY B 258 -20.55 8.63 6.17
C GLY B 258 -21.30 9.12 4.95
N TYR B 259 -22.63 9.08 5.02
CA TYR B 259 -23.44 9.62 3.94
C TYR B 259 -23.91 11.03 4.26
N GLU B 260 -23.25 11.67 5.21
CA GLU B 260 -23.58 13.03 5.59
C GLU B 260 -22.46 14.00 5.23
N ARG B 261 -21.76 13.74 4.14
CA ARG B 261 -20.67 14.61 3.72
C ARG B 261 -21.15 15.57 2.63
N ILE B 262 -20.76 16.83 2.73
CA ILE B 262 -21.27 17.86 1.84
C ILE B 262 -20.18 18.62 1.05
N VAL B 263 -19.40 19.41 1.78
CA VAL B 263 -18.38 20.29 1.20
C VAL B 263 -17.17 19.58 0.59
N GLY B 264 -16.62 20.20 -0.47
CA GLY B 264 -15.37 19.79 -1.06
C GLY B 264 -14.24 20.70 -0.61
N ALA B 265 -13.03 20.49 -1.13
CA ALA B 265 -11.89 21.28 -0.68
C ALA B 265 -10.86 21.56 -1.79
N VAL B 266 -9.84 22.35 -1.43
CA VAL B 266 -8.82 22.80 -2.38
C VAL B 266 -7.70 21.76 -2.57
N LEU B 267 -7.16 21.73 -3.79
CA LEU B 267 -6.04 20.87 -4.16
C LEU B 267 -4.94 21.75 -4.75
N VAL B 268 -3.78 21.78 -4.09
CA VAL B 268 -2.71 22.70 -4.47
C VAL B 268 -1.77 22.07 -5.49
N GLU B 269 -2.31 21.75 -6.66
CA GLU B 269 -1.49 21.26 -7.77
C GLU B 269 -0.92 22.43 -8.55
N LYS B 270 0.21 22.22 -9.23
CA LYS B 270 0.70 23.23 -10.16
C LYS B 270 0.16 22.92 -11.56
N GLU B 271 -1.00 23.46 -11.88
CA GLU B 271 -1.64 23.18 -13.16
C GLU B 271 -1.85 21.68 -13.31
N ASP B 272 -2.23 21.03 -12.21
CA ASP B 272 -2.41 19.58 -12.17
C ASP B 272 -1.16 18.84 -12.64
N ALA B 273 -0.03 19.19 -12.02
CA ALA B 273 1.28 18.72 -12.45
C ALA B 273 1.58 17.23 -12.41
N VAL B 274 1.66 16.68 -11.20
CA VAL B 274 2.20 15.33 -11.00
C VAL B 274 1.28 14.39 -10.23
N VAL B 275 0.69 14.90 -9.15
CA VAL B 275 -0.13 14.04 -8.29
C VAL B 275 -1.56 14.57 -8.23
N ARG B 276 -2.37 14.16 -9.20
CA ARG B 276 -3.75 14.62 -9.27
C ARG B 276 -4.64 13.82 -8.33
N GLN B 277 -5.37 14.52 -7.46
CA GLN B 277 -6.29 13.89 -6.53
C GLN B 277 -7.67 14.48 -6.70
N GLU B 278 -7.84 15.28 -7.74
CA GLU B 278 -9.09 15.97 -8.01
C GLU B 278 -10.22 14.99 -8.29
N HIS B 279 -10.06 14.22 -9.36
CA HIS B 279 -11.09 13.29 -9.81
C HIS B 279 -11.28 12.12 -8.85
N THR B 280 -10.20 11.74 -8.15
CA THR B 280 -10.26 10.64 -7.20
C THR B 280 -11.04 11.04 -5.95
N ALA B 281 -10.96 12.33 -5.59
CA ALA B 281 -11.69 12.84 -4.44
C ALA B 281 -13.19 12.78 -4.68
N ARG B 282 -13.61 13.25 -5.85
CA ARG B 282 -15.02 13.25 -6.22
C ARG B 282 -15.55 11.84 -6.38
N LEU B 283 -14.74 10.96 -6.97
CA LEU B 283 -15.12 9.57 -7.18
C LEU B 283 -15.33 8.86 -5.85
N LEU B 284 -14.52 9.22 -4.86
CA LEU B 284 -14.63 8.63 -3.54
C LEU B 284 -15.85 9.15 -2.78
N LEU B 285 -16.04 10.45 -2.80
CA LEU B 285 -17.13 11.09 -2.06
C LEU B 285 -18.50 10.73 -2.64
N GLU B 286 -18.60 10.72 -3.96
CA GLU B 286 -19.87 10.47 -4.64
C GLU B 286 -20.38 9.05 -4.40
N THR B 287 -19.49 8.17 -3.95
CA THR B 287 -19.87 6.78 -3.69
C THR B 287 -20.31 6.60 -2.24
N ILE B 288 -19.69 7.34 -1.33
CA ILE B 288 -20.02 7.26 0.09
C ILE B 288 -21.11 8.25 0.49
N SER B 289 -21.17 9.39 -0.20
CA SER B 289 -22.17 10.40 0.06
C SER B 289 -22.53 11.16 -1.21
N PRO B 290 -23.69 10.82 -1.80
CA PRO B 290 -24.16 11.41 -3.06
C PRO B 290 -24.24 12.95 -3.02
N LYS B 291 -24.57 13.51 -1.86
CA LYS B 291 -24.70 14.95 -1.75
C LYS B 291 -23.35 15.62 -1.51
N CYS B 292 -22.50 15.59 -2.54
CA CYS B 292 -21.17 16.17 -2.45
C CYS B 292 -21.11 17.50 -3.20
N GLU B 293 -20.01 18.22 -3.04
CA GLU B 293 -19.85 19.51 -3.71
C GLU B 293 -18.57 19.52 -4.53
N PHE B 294 -18.38 20.57 -5.32
CA PHE B 294 -17.22 20.67 -6.20
C PHE B 294 -15.95 21.02 -5.44
N LYS B 295 -14.84 21.08 -6.17
CA LYS B 295 -13.55 21.44 -5.60
C LYS B 295 -12.92 22.56 -6.40
N VAL B 296 -11.93 23.23 -5.80
CA VAL B 296 -11.21 24.29 -6.50
C VAL B 296 -9.72 23.98 -6.53
N PHE B 297 -9.25 23.54 -7.69
CA PHE B 297 -7.85 23.17 -7.86
C PHE B 297 -7.02 24.36 -8.34
N HIS B 298 -6.96 25.41 -7.54
CA HIS B 298 -6.20 26.60 -7.90
C HIS B 298 -5.49 27.19 -6.70
N CYS B 299 -4.19 26.89 -6.59
CA CYS B 299 -3.35 27.45 -5.52
C CYS B 299 -1.90 27.46 -5.97
N TYR B 300 -1.17 28.52 -5.62
CA TYR B 300 0.20 28.68 -6.09
C TYR B 300 1.19 28.77 -4.93
N GLU B 301 2.47 28.94 -5.28
CA GLU B 301 3.55 29.04 -4.30
C GLU B 301 3.71 27.75 -3.49
S SO4 C . 18.76 3.61 8.65
O1 SO4 C . 18.38 4.66 7.71
O2 SO4 C . 20.19 3.68 8.91
O3 SO4 C . 18.44 2.30 8.07
O4 SO4 C . 18.02 3.78 9.89
#